data_1VES
#
_entry.id   1VES
#
_cell.length_a   65.283
_cell.length_b   92.046
_cell.length_c   98.224
_cell.angle_alpha   90.00
_cell.angle_beta   90.00
_cell.angle_gamma   90.00
#
_symmetry.space_group_name_H-M   'I 21 21 21'
#
loop_
_entity.id
_entity.type
_entity.pdbx_description
1 polymer 'New Antigen Receptor variable domain'
2 water water
#
_entity_poly.entity_id   1
_entity_poly.type   'polypeptide(L)'
_entity_poly.pdbx_seq_one_letter_code
;AWVDQTPRTATKETGESLTINCVLRDASFELKDTGWYRTKLGSTNEQSISIGGRYVETVNKGSKSFSLRISDLRVEDSGT
YKCQAFYSLPLGDYNYSLLFRGEKGAGTALTVK
;
_entity_poly.pdbx_strand_id   A,B
#
# COMPACT_ATOMS: atom_id res chain seq x y z
N ALA A 1 4.66 -12.01 -4.40
CA ALA A 1 4.33 -10.67 -4.92
C ALA A 1 2.82 -10.52 -5.09
N TRP A 2 2.33 -9.28 -5.00
CA TRP A 2 0.94 -8.97 -5.28
C TRP A 2 0.78 -7.53 -5.76
N VAL A 3 -0.25 -7.28 -6.56
CA VAL A 3 -0.58 -5.96 -7.03
C VAL A 3 -1.67 -5.36 -6.17
N ASP A 4 -1.34 -4.17 -5.67
CA ASP A 4 -2.19 -3.38 -4.81
C ASP A 4 -2.93 -2.36 -5.68
N GLN A 5 -4.18 -2.65 -6.01
CA GLN A 5 -4.99 -1.85 -6.92
C GLN A 5 -6.09 -1.07 -6.16
N THR A 6 -6.04 0.27 -6.27
CA THR A 6 -7.03 1.19 -5.70
C THR A 6 -7.54 2.17 -6.74
N PRO A 7 -8.76 2.67 -6.57
CA PRO A 7 -9.70 2.22 -5.54
C PRO A 7 -10.43 0.91 -5.94
N ARG A 8 -11.02 0.22 -4.98
CA ARG A 8 -11.75 -1.00 -5.28
C ARG A 8 -13.07 -0.74 -5.99
N THR A 9 -13.77 0.31 -5.59
CA THR A 9 -14.97 0.76 -6.27
C THR A 9 -14.90 2.26 -6.49
N ALA A 10 -15.65 2.71 -7.47
CA ALA A 10 -15.80 4.14 -7.72
C ALA A 10 -17.12 4.41 -8.42
N THR A 11 -17.70 5.57 -8.09
CA THR A 11 -18.86 6.12 -8.76
C THR A 11 -18.49 7.51 -9.28
N LYS A 12 -18.73 7.74 -10.56
CA LYS A 12 -18.41 9.00 -11.20
C LYS A 12 -19.62 9.43 -12.00
N GLU A 13 -19.70 10.73 -12.28
CA GLU A 13 -20.69 11.27 -13.20
C GLU A 13 -20.04 11.27 -14.57
N THR A 14 -20.84 11.32 -15.63
CA THR A 14 -20.30 11.44 -16.98
C THR A 14 -19.51 12.74 -17.08
N GLY A 15 -18.41 12.72 -17.83
CA GLY A 15 -17.56 13.89 -17.98
C GLY A 15 -16.43 13.98 -16.96
N GLU A 16 -16.53 13.23 -15.85
CA GLU A 16 -15.47 13.24 -14.83
C GLU A 16 -14.33 12.33 -15.26
N SER A 17 -13.28 12.26 -14.42
CA SER A 17 -12.15 11.35 -14.62
C SER A 17 -12.03 10.36 -13.47
N LEU A 18 -11.47 9.18 -13.77
CA LEU A 18 -11.09 8.21 -12.76
C LEU A 18 -9.59 7.96 -12.86
N THR A 19 -8.90 7.96 -11.72
CA THR A 19 -7.53 7.49 -11.68
C THR A 19 -7.51 6.19 -10.91
N ILE A 20 -6.94 5.15 -11.50
CA ILE A 20 -6.74 3.87 -10.82
C ILE A 20 -5.24 3.75 -10.60
N ASN A 21 -4.84 3.46 -9.37
CA ASN A 21 -3.44 3.31 -9.00
C ASN A 21 -3.12 1.86 -8.68
N CYS A 22 -2.01 1.37 -9.26
CA CYS A 22 -1.52 0.03 -8.98
C CYS A 22 -0.09 0.10 -8.48
N VAL A 23 0.21 -0.69 -7.44
CA VAL A 23 1.58 -0.75 -6.93
C VAL A 23 1.92 -2.23 -6.83
N LEU A 24 3.01 -2.62 -7.46
CA LEU A 24 3.53 -3.99 -7.31
C LEU A 24 4.24 -4.12 -5.95
N ARG A 25 3.69 -4.93 -5.06
CA ARG A 25 4.20 -5.13 -3.71
C ARG A 25 4.99 -6.44 -3.52
N ASP A 26 6.04 -6.39 -2.70
CA ASP A 26 6.79 -7.57 -2.31
C ASP A 26 7.24 -8.32 -3.57
N ALA A 27 7.88 -7.58 -4.46
CA ALA A 27 8.27 -8.08 -5.77
C ALA A 27 9.46 -9.02 -5.68
N SER A 28 9.45 -10.06 -6.51
CA SER A 28 10.60 -10.93 -6.70
C SER A 28 11.36 -10.51 -7.96
N PHE A 29 10.60 -10.23 -9.02
CA PHE A 29 11.15 -9.92 -10.34
C PHE A 29 10.94 -8.45 -10.66
N GLU A 30 11.72 -7.96 -11.61
CA GLU A 30 11.73 -6.53 -11.97
C GLU A 30 10.56 -6.24 -12.90
N LEU A 31 9.82 -5.19 -12.60
CA LEU A 31 8.71 -4.78 -13.46
C LEU A 31 9.24 -4.36 -14.83
N LYS A 32 8.73 -4.99 -15.89
CA LYS A 32 9.16 -4.69 -17.26
C LYS A 32 8.11 -3.93 -18.10
N ASP A 33 6.88 -4.44 -18.08
CA ASP A 33 5.76 -3.86 -18.82
C ASP A 33 4.51 -3.96 -17.94
N THR A 34 3.45 -3.30 -18.39
CA THR A 34 2.17 -3.25 -17.70
C THR A 34 1.03 -3.33 -18.71
N GLY A 35 -0.11 -3.81 -18.23
CA GLY A 35 -1.30 -3.91 -19.05
C GLY A 35 -2.53 -3.53 -18.28
N TRP A 36 -3.57 -3.12 -19.00
CA TRP A 36 -4.84 -2.70 -18.43
C TRP A 36 -5.97 -3.41 -19.16
N TYR A 37 -6.92 -3.93 -18.40
CA TYR A 37 -8.01 -4.72 -18.94
C TYR A 37 -9.34 -4.27 -18.33
N ARG A 38 -10.42 -4.47 -19.07
CA ARG A 38 -11.76 -4.13 -18.59
C ARG A 38 -12.80 -5.11 -19.11
N THR A 39 -13.73 -5.48 -18.24
CA THR A 39 -14.97 -6.07 -18.65
C THR A 39 -16.04 -5.00 -18.50
N LYS A 40 -16.54 -4.50 -19.62
CA LYS A 40 -17.51 -3.42 -19.59
C LYS A 40 -18.90 -3.91 -19.22
N LEU A 41 -19.69 -3.00 -18.68
CA LEU A 41 -21.09 -3.23 -18.37
C LEU A 41 -21.77 -3.84 -19.58
N GLY A 42 -22.61 -4.85 -19.35
CA GLY A 42 -23.35 -5.53 -20.39
C GLY A 42 -22.62 -6.69 -21.07
N SER A 43 -21.33 -6.84 -20.78
CA SER A 43 -20.50 -7.82 -21.47
C SER A 43 -19.78 -8.75 -20.47
N THR A 44 -19.58 -9.99 -20.91
CA THR A 44 -18.84 -11.00 -20.16
C THR A 44 -17.36 -11.11 -20.60
N ASN A 45 -16.98 -10.42 -21.68
CA ASN A 45 -15.63 -10.51 -22.24
C ASN A 45 -14.67 -9.45 -21.70
N GLU A 46 -13.58 -9.88 -21.05
CA GLU A 46 -12.51 -8.98 -20.65
C GLU A 46 -11.68 -8.63 -21.86
N GLN A 47 -11.44 -7.34 -22.05
CA GLN A 47 -10.63 -6.90 -23.17
C GLN A 47 -9.53 -5.93 -22.75
N SER A 48 -8.47 -5.92 -23.54
CA SER A 48 -7.37 -5.01 -23.36
C SER A 48 -7.78 -3.55 -23.64
N ILE A 49 -7.19 -2.63 -22.90
CA ILE A 49 -7.34 -1.20 -23.11
C ILE A 49 -6.11 -0.70 -23.82
N SER A 50 -6.28 -0.07 -24.96
CA SER A 50 -5.16 0.57 -25.66
C SER A 50 -4.86 1.91 -25.02
N ILE A 51 -3.63 2.11 -24.57
CA ILE A 51 -3.22 3.38 -23.96
C ILE A 51 -3.09 4.46 -25.03
N GLY A 52 -3.77 5.59 -24.79
CA GLY A 52 -3.85 6.71 -25.71
C GLY A 52 -5.20 7.41 -25.58
N GLY A 53 -5.23 8.70 -25.93
CA GLY A 53 -6.44 9.51 -25.91
C GLY A 53 -7.02 9.80 -24.53
N ARG A 54 -8.22 9.27 -24.29
CA ARG A 54 -8.87 9.38 -22.97
C ARG A 54 -8.14 8.56 -21.91
N TYR A 55 -7.38 7.54 -22.34
CA TYR A 55 -6.68 6.60 -21.46
C TYR A 55 -5.19 6.95 -21.37
N VAL A 56 -4.78 7.49 -20.23
CA VAL A 56 -3.42 7.97 -20.01
C VAL A 56 -2.77 7.16 -18.88
N GLU A 57 -1.72 6.43 -19.23
CA GLU A 57 -0.98 5.67 -18.23
C GLU A 57 0.32 6.37 -17.83
N THR A 58 0.60 6.36 -16.53
CA THR A 58 1.87 6.79 -15.97
C THR A 58 2.52 5.66 -15.20
N VAL A 59 3.75 5.34 -15.57
CA VAL A 59 4.51 4.26 -14.96
C VAL A 59 5.80 4.81 -14.36
N ASN A 60 6.00 4.52 -13.08
CA ASN A 60 7.23 4.81 -12.35
C ASN A 60 7.86 3.50 -11.89
N LYS A 61 8.85 3.00 -12.63
CA LYS A 61 9.36 1.65 -12.42
C LYS A 61 10.05 1.54 -11.06
N GLY A 62 10.67 2.64 -10.62
CA GLY A 62 11.42 2.65 -9.37
C GLY A 62 10.55 2.47 -8.14
N SER A 63 9.37 3.05 -8.16
CA SER A 63 8.41 2.88 -7.09
C SER A 63 7.40 1.73 -7.34
N LYS A 64 7.61 1.00 -8.43
CA LYS A 64 6.78 -0.11 -8.83
C LYS A 64 5.30 0.28 -8.99
N SER A 65 5.08 1.52 -9.42
CA SER A 65 3.77 2.09 -9.56
C SER A 65 3.40 2.34 -11.02
N PHE A 66 2.13 2.10 -11.31
CA PHE A 66 1.54 2.31 -12.60
C PHE A 66 0.04 2.63 -12.39
N SER A 67 -0.38 3.70 -13.06
CA SER A 67 -1.69 4.34 -12.94
C SER A 67 -2.32 4.58 -14.29
N LEU A 68 -3.63 4.47 -14.33
CA LEU A 68 -4.41 4.79 -15.51
C LEU A 68 -5.34 5.90 -15.10
N ARG A 69 -5.36 7.00 -15.85
CA ARG A 69 -6.37 8.03 -15.69
C ARG A 69 -7.26 8.04 -16.93
N ILE A 70 -8.55 7.86 -16.72
CA ILE A 70 -9.55 7.85 -17.78
C ILE A 70 -10.34 9.13 -17.66
N SER A 71 -10.27 9.97 -18.68
CA SER A 71 -10.92 11.27 -18.70
C SER A 71 -12.27 11.18 -19.42
N ASP A 72 -13.13 12.17 -19.19
CA ASP A 72 -14.37 12.32 -19.94
C ASP A 72 -15.15 11.02 -19.97
N LEU A 73 -15.50 10.54 -18.78
CA LEU A 73 -16.13 9.24 -18.67
C LEU A 73 -17.55 9.28 -19.21
N ARG A 74 -17.97 8.17 -19.79
CA ARG A 74 -19.36 7.96 -20.20
C ARG A 74 -19.87 6.69 -19.54
N VAL A 75 -21.18 6.47 -19.59
CA VAL A 75 -21.76 5.40 -18.80
C VAL A 75 -21.31 4.02 -19.32
N GLU A 76 -20.97 3.94 -20.61
CA GLU A 76 -20.49 2.67 -21.16
C GLU A 76 -19.09 2.28 -20.66
N ASP A 77 -18.32 3.25 -20.15
CA ASP A 77 -17.06 3.00 -19.47
C ASP A 77 -17.23 2.28 -18.14
N SER A 78 -18.44 2.27 -17.61
CA SER A 78 -18.68 1.55 -16.37
C SER A 78 -18.31 0.06 -16.60
N GLY A 79 -17.83 -0.60 -15.56
CA GLY A 79 -17.34 -1.97 -15.68
C GLY A 79 -16.23 -2.24 -14.67
N THR A 80 -15.58 -3.38 -14.78
CA THR A 80 -14.48 -3.73 -13.88
C THR A 80 -13.16 -3.59 -14.62
N TYR A 81 -12.22 -2.86 -14.04
CA TYR A 81 -10.90 -2.58 -14.60
C TYR A 81 -9.84 -3.30 -13.76
N LYS A 82 -8.87 -3.90 -14.43
CA LYS A 82 -7.78 -4.61 -13.78
C LYS A 82 -6.46 -4.22 -14.45
N CYS A 83 -5.42 -4.00 -13.65
CA CYS A 83 -4.06 -3.77 -14.16
C CYS A 83 -3.26 -5.05 -14.02
N GLN A 84 -2.15 -5.17 -14.74
CA GLN A 84 -1.32 -6.37 -14.73
C GLN A 84 0.14 -6.03 -14.91
N ALA A 85 1.00 -6.65 -14.10
CA ALA A 85 2.44 -6.52 -14.20
C ALA A 85 2.91 -7.59 -15.16
N PHE A 86 3.99 -7.29 -15.86
CA PHE A 86 4.69 -8.25 -16.73
C PHE A 86 6.16 -8.22 -16.39
N TYR A 87 6.79 -9.37 -16.52
CA TYR A 87 8.20 -9.55 -16.20
C TYR A 87 8.89 -10.21 -17.37
N SER A 88 10.20 -10.40 -17.25
CA SER A 88 10.94 -11.13 -18.28
C SER A 88 11.94 -12.12 -17.70
N LEU A 89 12.15 -13.22 -18.42
CA LEU A 89 13.25 -14.14 -18.13
C LEU A 89 14.29 -14.04 -19.25
N PRO A 90 15.58 -14.04 -18.89
CA PRO A 90 16.63 -13.96 -19.91
C PRO A 90 16.67 -15.21 -20.75
N LEU A 91 17.22 -15.09 -21.94
CA LEU A 91 17.45 -16.21 -22.83
C LEU A 91 18.88 -16.17 -23.31
N GLY A 92 19.33 -17.25 -23.94
CA GLY A 92 20.67 -17.32 -24.49
C GLY A 92 20.72 -16.85 -25.93
N ASP A 93 20.27 -15.63 -26.19
CA ASP A 93 20.12 -15.09 -27.54
C ASP A 93 19.79 -13.60 -27.51
N TYR A 94 20.52 -12.80 -28.29
CA TYR A 94 20.29 -11.36 -28.45
C TYR A 94 20.30 -10.68 -27.03
N ASN A 95 19.54 -9.65 -26.62
CA ASN A 95 18.60 -8.74 -27.33
C ASN A 95 17.19 -9.29 -27.63
N TYR A 96 16.98 -10.59 -27.38
CA TYR A 96 15.64 -11.18 -27.37
C TYR A 96 15.46 -11.86 -26.02
N SER A 97 14.52 -11.32 -25.23
CA SER A 97 14.18 -11.88 -23.94
C SER A 97 12.79 -12.51 -24.03
N LEU A 98 12.35 -13.00 -22.86
CA LEU A 98 11.07 -13.68 -22.70
C LEU A 98 10.15 -12.91 -21.75
N LEU A 99 9.17 -12.21 -22.32
CA LEU A 99 8.15 -11.47 -21.57
C LEU A 99 7.11 -12.46 -21.04
N PHE A 100 6.72 -12.34 -19.78
CA PHE A 100 5.66 -13.20 -19.24
C PHE A 100 4.74 -12.46 -18.28
N ARG A 101 3.49 -12.92 -18.24
CA ARG A 101 2.43 -12.35 -17.43
C ARG A 101 2.68 -12.47 -15.95
N GLY A 102 2.56 -11.36 -15.24
CA GLY A 102 2.74 -11.34 -13.81
C GLY A 102 1.41 -11.16 -13.11
N GLU A 103 1.49 -10.58 -11.91
CA GLU A 103 0.34 -10.46 -11.03
C GLU A 103 -0.63 -9.40 -11.53
N LYS A 104 -1.89 -9.62 -11.21
CA LYS A 104 -3.00 -8.79 -11.66
C LYS A 104 -3.58 -8.13 -10.43
N GLY A 105 -4.00 -6.87 -10.57
CA GLY A 105 -4.75 -6.20 -9.53
C GLY A 105 -6.10 -6.87 -9.31
N ALA A 106 -6.68 -6.62 -8.14
CA ALA A 106 -7.95 -7.26 -7.77
C ALA A 106 -9.14 -6.57 -8.43
N GLY A 107 -8.92 -5.41 -9.05
CA GLY A 107 -9.97 -4.76 -9.80
C GLY A 107 -10.54 -3.51 -9.16
N THR A 108 -11.10 -2.66 -10.02
CA THR A 108 -11.84 -1.47 -9.68
C THR A 108 -13.21 -1.57 -10.36
N ALA A 109 -14.30 -1.57 -9.59
CA ALA A 109 -15.66 -1.61 -10.13
C ALA A 109 -16.15 -0.19 -10.28
N LEU A 110 -16.15 0.29 -11.51
CA LEU A 110 -16.54 1.67 -11.81
C LEU A 110 -17.99 1.73 -12.25
N THR A 111 -18.70 2.70 -11.70
CA THR A 111 -20.07 3.00 -12.05
C THR A 111 -20.12 4.44 -12.53
N VAL A 112 -20.51 4.64 -13.79
CA VAL A 112 -20.67 5.97 -14.34
C VAL A 112 -22.15 6.28 -14.66
N LYS A 113 -22.64 7.37 -14.09
CA LYS A 113 -23.71 8.18 -14.69
C LYS A 113 -23.88 9.52 -13.97
N ALA B 1 -10.61 -3.71 7.58
CA ALA B 1 -9.49 -2.78 7.87
C ALA B 1 -8.19 -3.53 8.15
N TRP B 2 -7.11 -2.98 7.59
CA TRP B 2 -5.77 -3.45 7.84
C TRP B 2 -4.76 -2.29 7.89
N VAL B 3 -3.65 -2.58 8.56
CA VAL B 3 -2.58 -1.63 8.70
C VAL B 3 -1.47 -2.07 7.79
N ASP B 4 -1.15 -1.17 6.85
CA ASP B 4 -0.12 -1.39 5.85
C ASP B 4 1.20 -0.78 6.33
N GLN B 5 2.09 -1.62 6.83
CA GLN B 5 3.34 -1.20 7.45
C GLN B 5 4.55 -1.45 6.54
N THR B 6 5.34 -0.41 6.28
CA THR B 6 6.53 -0.51 5.46
C THR B 6 7.70 0.24 6.11
N PRO B 7 8.95 -0.17 5.87
CA PRO B 7 9.27 -1.35 5.07
C PRO B 7 9.12 -2.61 5.89
N ARG B 8 9.02 -3.73 5.19
CA ARG B 8 8.95 -5.03 5.85
C ARG B 8 10.30 -5.44 6.43
N THR B 9 11.38 -5.04 5.78
CA THR B 9 12.72 -5.24 6.32
C THR B 9 13.58 -4.05 5.99
N ALA B 10 14.67 -3.93 6.75
CA ALA B 10 15.59 -2.85 6.58
C ALA B 10 16.90 -3.24 7.21
N THR B 11 17.98 -2.85 6.54
CA THR B 11 19.30 -2.96 7.09
C THR B 11 19.87 -1.56 7.16
N LYS B 12 20.40 -1.23 8.32
CA LYS B 12 20.97 0.06 8.59
C LYS B 12 22.34 -0.11 9.28
N GLU B 13 23.16 0.93 9.21
CA GLU B 13 24.42 0.99 9.94
C GLU B 13 24.13 1.66 11.27
N THR B 14 24.98 1.49 12.28
CA THR B 14 24.74 2.21 13.53
C THR B 14 24.98 3.68 13.23
N GLY B 15 24.13 4.54 13.78
CA GLY B 15 24.24 5.98 13.57
C GLY B 15 23.18 6.48 12.63
N GLU B 16 22.81 5.66 11.64
CA GLU B 16 21.74 5.99 10.71
C GLU B 16 20.40 5.94 11.42
N SER B 17 19.35 6.36 10.72
CA SER B 17 18.00 6.33 11.24
C SER B 17 17.07 5.46 10.38
N LEU B 18 15.92 5.15 10.94
CA LEU B 18 14.87 4.36 10.27
C LEU B 18 13.53 5.08 10.38
N THR B 19 12.82 5.18 9.27
CA THR B 19 11.41 5.55 9.29
C THR B 19 10.58 4.32 8.91
N ILE B 20 9.61 4.00 9.77
CA ILE B 20 8.58 3.02 9.48
C ILE B 20 7.27 3.77 9.27
N ASN B 21 6.60 3.46 8.16
CA ASN B 21 5.35 4.09 7.80
C ASN B 21 4.21 3.09 7.93
N CYS B 22 3.15 3.52 8.60
CA CYS B 22 1.94 2.75 8.78
C CYS B 22 0.73 3.50 8.26
N VAL B 23 -0.06 2.83 7.44
CA VAL B 23 -1.29 3.41 6.93
C VAL B 23 -2.44 2.46 7.25
N LEU B 24 -3.47 3.01 7.87
CA LEU B 24 -4.69 2.27 8.16
C LEU B 24 -5.62 2.36 6.96
N ARG B 25 -5.92 1.21 6.37
CA ARG B 25 -6.64 1.09 5.12
C ARG B 25 -7.95 0.32 5.24
N ASP B 26 -8.90 0.68 4.38
CA ASP B 26 -10.25 0.09 4.37
C ASP B 26 -10.82 0.08 5.77
N ALA B 27 -10.78 1.23 6.45
CA ALA B 27 -11.20 1.33 7.84
C ALA B 27 -12.61 1.88 7.98
N SER B 28 -13.29 1.37 8.98
CA SER B 28 -14.64 1.83 9.35
C SER B 28 -14.49 2.91 10.43
N PHE B 29 -13.62 2.64 11.40
CA PHE B 29 -13.47 3.48 12.57
C PHE B 29 -12.40 4.52 12.34
N GLU B 30 -12.61 5.69 12.95
CA GLU B 30 -11.65 6.77 12.92
C GLU B 30 -10.48 6.41 13.81
N LEU B 31 -9.28 6.67 13.32
CA LEU B 31 -8.06 6.42 14.09
C LEU B 31 -8.07 7.35 15.30
N LYS B 32 -8.02 6.80 16.50
CA LYS B 32 -7.94 7.59 17.71
C LYS B 32 -6.51 7.69 18.24
N ASP B 33 -5.89 6.56 18.57
CA ASP B 33 -4.57 6.54 19.21
C ASP B 33 -3.71 5.52 18.45
N THR B 34 -2.42 5.51 18.73
CA THR B 34 -1.49 4.58 18.13
C THR B 34 -0.54 4.06 19.16
N GLY B 35 0.08 2.93 18.86
CA GLY B 35 1.11 2.37 19.70
C GLY B 35 2.13 1.65 18.84
N TRP B 36 3.33 1.55 19.38
CA TRP B 36 4.46 0.98 18.71
C TRP B 36 5.09 -0.03 19.69
N TYR B 37 5.52 -1.16 19.14
CA TYR B 37 5.98 -2.33 19.92
C TYR B 37 7.18 -2.97 19.21
N ARG B 38 8.07 -3.59 19.99
CA ARG B 38 9.15 -4.37 19.40
C ARG B 38 9.57 -5.58 20.22
N THR B 39 10.01 -6.59 19.48
CA THR B 39 10.80 -7.67 20.01
C THR B 39 12.27 -7.41 19.64
N LYS B 40 13.08 -7.00 20.60
CA LYS B 40 14.47 -6.69 20.30
C LYS B 40 15.32 -7.96 20.27
N LEU B 41 16.47 -7.85 19.62
CA LEU B 41 17.39 -8.95 19.41
C LEU B 41 17.82 -9.57 20.74
N GLY B 42 17.99 -10.88 20.75
CA GLY B 42 18.29 -11.63 21.95
C GLY B 42 17.12 -11.80 22.91
N SER B 43 15.94 -11.32 22.53
CA SER B 43 14.77 -11.37 23.40
C SER B 43 13.52 -11.91 22.70
N THR B 44 12.65 -12.52 23.48
CA THR B 44 11.44 -13.18 23.01
C THR B 44 10.16 -12.37 23.36
N ASN B 45 10.31 -11.33 24.17
CA ASN B 45 9.16 -10.55 24.65
C ASN B 45 8.89 -9.29 23.85
N GLU B 46 7.67 -9.16 23.34
CA GLU B 46 7.26 -7.93 22.68
C GLU B 46 7.01 -6.83 23.70
N GLN B 47 7.53 -5.65 23.40
CA GLN B 47 7.67 -4.58 24.38
C GLN B 47 7.12 -3.29 23.77
N SER B 48 6.31 -2.58 24.53
CA SER B 48 5.88 -1.25 24.14
C SER B 48 7.06 -0.29 23.98
N ILE B 49 7.03 0.54 22.94
CA ILE B 49 8.01 1.59 22.74
C ILE B 49 7.47 2.91 23.33
N SER B 50 8.28 3.55 24.14
CA SER B 50 7.96 4.86 24.72
C SER B 50 8.32 5.97 23.73
N ILE B 51 7.31 6.69 23.25
CA ILE B 51 7.54 7.73 22.27
C ILE B 51 8.21 8.93 22.93
N GLY B 52 9.41 9.23 22.46
CA GLY B 52 10.24 10.28 23.04
C GLY B 52 11.71 10.06 22.66
N GLY B 53 12.49 11.14 22.68
CA GLY B 53 13.92 11.07 22.44
C GLY B 53 14.27 10.63 21.03
N ARG B 54 14.96 9.49 20.92
CA ARG B 54 15.35 8.90 19.63
C ARG B 54 14.13 8.43 18.80
N TYR B 55 13.03 8.15 19.49
CA TYR B 55 11.79 7.69 18.88
C TYR B 55 10.77 8.81 18.64
N VAL B 56 10.70 9.41 17.45
CA VAL B 56 9.64 10.40 17.20
C VAL B 56 8.56 9.87 16.25
N GLU B 57 7.32 9.89 16.76
CA GLU B 57 6.15 9.53 16.02
C GLU B 57 5.50 10.76 15.39
N THR B 58 5.04 10.62 14.16
CA THR B 58 4.26 11.63 13.49
C THR B 58 2.94 10.95 13.10
N VAL B 59 1.81 11.50 13.52
CA VAL B 59 0.50 10.98 13.18
C VAL B 59 -0.27 12.00 12.37
N ASN B 60 -0.79 11.55 11.23
CA ASN B 60 -1.68 12.31 10.36
C ASN B 60 -3.01 11.60 10.29
N LYS B 61 -3.97 12.05 11.10
CA LYS B 61 -5.22 11.30 11.24
C LYS B 61 -6.06 11.35 9.99
N GLY B 62 -6.04 12.48 9.31
CA GLY B 62 -6.82 12.67 8.11
C GLY B 62 -6.48 11.61 7.07
N SER B 63 -5.18 11.42 6.84
CA SER B 63 -4.65 10.44 5.89
C SER B 63 -4.49 9.06 6.52
N LYS B 64 -4.93 8.93 7.76
CA LYS B 64 -4.92 7.68 8.50
C LYS B 64 -3.53 7.06 8.58
N SER B 65 -2.50 7.90 8.61
CA SER B 65 -1.14 7.39 8.66
C SER B 65 -0.37 7.82 9.91
N PHE B 66 0.51 6.93 10.33
CA PHE B 66 1.33 7.11 11.49
C PHE B 66 2.71 6.49 11.27
N SER B 67 3.75 7.25 11.59
CA SER B 67 5.13 6.81 11.39
C SER B 67 6.02 7.02 12.60
N LEU B 68 7.07 6.20 12.66
CA LEU B 68 8.05 6.23 13.72
C LEU B 68 9.41 6.38 13.06
N ARG B 69 10.13 7.45 13.41
CA ARG B 69 11.52 7.62 13.00
C ARG B 69 12.44 7.40 14.20
N ILE B 70 13.31 6.39 14.09
CA ILE B 70 14.28 6.06 15.12
C ILE B 70 15.64 6.54 14.66
N SER B 71 16.29 7.40 15.46
CA SER B 71 17.60 7.98 15.13
C SER B 71 18.78 7.42 16.00
N ASP B 72 20.02 7.57 15.51
CA ASP B 72 21.24 7.07 16.22
C ASP B 72 21.20 5.56 16.54
N LEU B 73 20.82 4.79 15.48
CA LEU B 73 20.56 3.36 15.63
C LEU B 73 21.79 2.66 16.19
N ARG B 74 21.54 1.60 16.95
CA ARG B 74 22.60 0.78 17.52
C ARG B 74 22.26 -0.68 17.29
N VAL B 75 23.23 -1.56 17.46
CA VAL B 75 23.02 -2.97 17.18
C VAL B 75 21.86 -3.55 18.00
N GLU B 76 21.70 -3.02 19.21
CA GLU B 76 20.68 -3.48 20.16
C GLU B 76 19.25 -3.17 19.70
N ASP B 77 19.09 -2.17 18.81
CA ASP B 77 17.79 -1.83 18.21
C ASP B 77 17.30 -2.80 17.15
N SER B 78 18.16 -3.73 16.72
CA SER B 78 17.73 -4.80 15.84
C SER B 78 16.52 -5.47 16.46
N GLY B 79 15.57 -5.86 15.62
CA GLY B 79 14.37 -6.52 16.08
C GLY B 79 13.21 -6.32 15.16
N THR B 80 12.05 -6.81 15.58
CA THR B 80 10.84 -6.67 14.79
C THR B 80 9.95 -5.63 15.43
N TYR B 81 9.65 -4.58 14.67
CA TYR B 81 8.82 -3.46 15.09
C TYR B 81 7.42 -3.59 14.50
N LYS B 82 6.42 -3.25 15.31
CA LYS B 82 5.02 -3.25 14.87
C LYS B 82 4.30 -2.03 15.39
N CYS B 83 3.44 -1.47 14.55
CA CYS B 83 2.54 -0.40 14.93
C CYS B 83 1.14 -0.95 15.16
N GLN B 84 0.32 -0.26 15.95
CA GLN B 84 -1.06 -0.69 16.16
C GLN B 84 -1.98 0.52 16.21
N ALA B 85 -3.15 0.36 15.58
CA ALA B 85 -4.20 1.37 15.62
C ALA B 85 -5.10 1.10 16.81
N PHE B 86 -5.65 2.18 17.35
CA PHE B 86 -6.67 2.13 18.39
C PHE B 86 -7.89 2.96 17.99
N TYR B 87 -9.05 2.51 18.46
CA TYR B 87 -10.33 3.14 18.22
C TYR B 87 -11.01 3.46 19.53
N SER B 88 -12.16 4.12 19.46
CA SER B 88 -13.00 4.27 20.63
C SER B 88 -14.49 4.15 20.31
N LEU B 89 -15.26 3.80 21.33
CA LEU B 89 -16.70 3.88 21.21
C LEU B 89 -17.29 4.61 22.42
N PRO B 90 -18.44 5.26 22.23
CA PRO B 90 -19.27 5.64 23.39
C PRO B 90 -20.01 4.41 23.88
N LEU B 91 -20.06 4.09 25.19
CA LEU B 91 -19.52 4.89 26.30
C LEU B 91 -19.95 6.35 26.23
N GLY B 92 -21.21 6.57 26.57
CA GLY B 92 -21.85 7.86 26.38
C GLY B 92 -21.71 8.77 27.58
N ASP B 93 -20.61 9.52 27.59
CA ASP B 93 -20.49 10.70 28.44
C ASP B 93 -19.44 11.65 27.83
N TYR B 94 -19.59 12.94 28.13
CA TYR B 94 -18.80 13.97 27.45
C TYR B 94 -17.30 13.84 27.70
N ASN B 95 -16.92 13.59 28.96
CA ASN B 95 -15.51 13.39 29.28
C ASN B 95 -14.99 11.99 28.93
N TYR B 96 -15.85 10.97 28.92
CA TYR B 96 -15.38 9.57 28.79
C TYR B 96 -15.83 8.78 27.53
N SER B 97 -14.89 8.06 26.93
CA SER B 97 -15.15 7.03 25.92
C SER B 97 -14.26 5.82 26.17
N LEU B 98 -14.53 4.74 25.48
CA LEU B 98 -13.73 3.54 25.64
C LEU B 98 -12.82 3.37 24.47
N LEU B 99 -11.55 3.28 24.79
CA LEU B 99 -10.51 3.05 23.82
C LEU B 99 -10.43 1.53 23.62
N PHE B 100 -10.28 1.10 22.38
CA PHE B 100 -10.04 -0.31 22.13
C PHE B 100 -9.02 -0.59 21.04
N ARG B 101 -8.49 -1.80 21.08
CA ARG B 101 -7.43 -2.25 20.23
C ARG B 101 -7.94 -2.49 18.83
N GLY B 102 -7.26 -1.90 17.85
CA GLY B 102 -7.55 -2.16 16.45
C GLY B 102 -6.48 -3.01 15.81
N GLU B 103 -6.34 -2.88 14.50
CA GLU B 103 -5.48 -3.75 13.71
C GLU B 103 -4.02 -3.36 13.87
N LYS B 104 -3.14 -4.30 13.54
CA LYS B 104 -1.73 -4.16 13.80
C LYS B 104 -0.97 -4.35 12.47
N GLY B 105 0.13 -3.61 12.33
CA GLY B 105 1.05 -3.80 11.22
C GLY B 105 1.69 -5.17 11.24
N ALA B 106 2.07 -5.65 10.06
CA ALA B 106 2.64 -6.99 9.93
C ALA B 106 4.09 -7.08 10.37
N GLY B 107 4.76 -5.93 10.55
CA GLY B 107 6.10 -5.85 11.13
C GLY B 107 7.18 -5.29 10.20
N THR B 108 8.25 -4.80 10.81
CA THR B 108 9.47 -4.36 10.14
C THR B 108 10.60 -5.08 10.82
N ALA B 109 11.38 -5.85 10.07
CA ALA B 109 12.52 -6.59 10.63
C ALA B 109 13.73 -5.73 10.39
N LEU B 110 14.23 -5.13 11.46
CA LEU B 110 15.40 -4.27 11.36
C LEU B 110 16.65 -5.01 11.76
N THR B 111 17.68 -4.86 10.95
CA THR B 111 19.01 -5.29 11.27
C THR B 111 19.92 -4.07 11.29
N VAL B 112 20.56 -3.84 12.43
CA VAL B 112 21.52 -2.77 12.56
C VAL B 112 22.92 -3.36 12.77
N LYS B 113 23.85 -2.95 11.93
CA LYS B 113 25.25 -3.00 12.29
C LYS B 113 26.03 -1.97 11.51
#